data_7HJ4
#
_entry.id   7HJ4
#
_cell.length_a   25.978
_cell.length_b   46.977
_cell.length_c   46.360
_cell.angle_alpha   90.000
_cell.angle_beta   102.950
_cell.angle_gamma   90.000
#
_symmetry.space_group_name_H-M   'P 1 21 1'
#
loop_
_entity.id
_entity.type
_entity.pdbx_description
1 polymer 'De novo designed ABLE protein'
2 non-polymer '1-benzothiophen-6-amine 1,1-dioxide'
3 water water
#
_entity_poly.entity_id   1
_entity_poly.type   'polypeptide(L)'
_entity_poly.pdbx_seq_one_letter_code
;SVKSEYAEAAAVGQEAVAVFNTMKAAFQNGDKEAVAQYLARLASLYTRHEELLNRILEKARREGNKEAVTLMNEFTATFQ
TGKSIFNAMVAAFKNGDDDSFESYLQALEKVTAKGETLADQIAKAL
;
_entity_poly.pdbx_strand_id   A
#
loop_
_chem_comp.id
_chem_comp.type
_chem_comp.name
_chem_comp.formula
MWP non-polymer '1-benzothiophen-6-amine 1,1-dioxide' 'C8 H7 N O2 S'
#
# COMPACT_ATOMS: atom_id res chain seq x y z
N SER A 1 12.98 2.43 -18.04
CA SER A 1 12.10 1.34 -18.50
C SER A 1 10.94 1.18 -17.54
N VAL A 2 9.93 0.44 -17.96
CA VAL A 2 8.82 0.18 -17.06
C VAL A 2 9.32 -0.61 -15.86
N LYS A 3 10.33 -1.46 -16.06
N LYS A 3 10.33 -1.46 -16.05
CA LYS A 3 10.85 -2.24 -14.94
CA LYS A 3 10.84 -2.25 -14.93
C LYS A 3 11.49 -1.35 -13.89
C LYS A 3 11.49 -1.36 -13.89
N SER A 4 12.25 -0.34 -14.33
CA SER A 4 12.87 0.58 -13.38
C SER A 4 11.84 1.55 -12.77
N GLU A 5 10.76 1.84 -13.49
CA GLU A 5 9.67 2.58 -12.89
C GLU A 5 8.97 1.74 -11.82
N TYR A 6 8.92 0.42 -12.00
CA TYR A 6 8.30 -0.41 -10.96
C TYR A 6 9.19 -0.49 -9.73
N ALA A 7 10.52 -0.51 -9.91
N ALA A 7 10.51 -0.50 -9.90
CA ALA A 7 11.41 -0.49 -8.75
CA ALA A 7 11.41 -0.48 -8.75
C ALA A 7 11.27 0.81 -7.97
C ALA A 7 11.27 0.81 -7.96
N GLU A 8 11.10 1.93 -8.66
N GLU A 8 11.14 1.94 -8.65
CA GLU A 8 10.84 3.19 -8.00
CA GLU A 8 10.84 3.20 -7.98
C GLU A 8 9.50 3.16 -7.26
C GLU A 8 9.52 3.11 -7.22
N ALA A 9 8.51 2.50 -7.84
CA ALA A 9 7.22 2.35 -7.19
C ALA A 9 7.34 1.44 -5.98
N ALA A 10 8.12 0.36 -6.10
N ALA A 10 8.08 0.33 -6.12
CA ALA A 10 8.31 -0.54 -4.97
CA ALA A 10 8.24 -0.56 -4.97
C ALA A 10 9.06 0.12 -3.82
C ALA A 10 8.84 0.19 -3.80
N ALA A 11 9.89 1.12 -4.13
N ALA A 11 9.87 0.99 -4.06
CA ALA A 11 10.58 1.84 -3.06
CA ALA A 11 10.53 1.69 -2.97
C ALA A 11 9.63 2.76 -2.33
C ALA A 11 9.56 2.62 -2.25
N VAL A 12 8.71 3.40 -3.05
N VAL A 12 8.75 3.36 -3.01
CA VAL A 12 7.68 4.18 -2.38
CA VAL A 12 7.75 4.21 -2.37
C VAL A 12 6.84 3.27 -1.48
C VAL A 12 6.82 3.36 -1.53
N GLY A 13 6.52 2.07 -1.96
N GLY A 13 6.39 2.21 -2.04
CA GLY A 13 5.76 1.14 -1.12
CA GLY A 13 5.57 1.31 -1.23
C GLY A 13 6.51 0.73 0.14
C GLY A 13 6.25 0.92 0.07
N GLN A 14 7.84 0.56 0.04
N GLN A 14 7.55 0.57 0.00
CA GLN A 14 8.62 0.26 1.23
CA GLN A 14 8.29 0.20 1.21
C GLN A 14 8.69 1.46 2.18
C GLN A 14 8.47 1.38 2.15
N GLU A 15 8.70 2.68 1.65
N GLU A 15 8.52 2.61 1.62
CA GLU A 15 8.66 3.86 2.51
CA GLU A 15 8.54 3.77 2.50
C GLU A 15 7.37 3.89 3.32
C GLU A 15 7.26 3.85 3.32
N ALA A 16 6.25 3.52 2.70
N ALA A 16 6.12 3.63 2.68
CA ALA A 16 5.00 3.45 3.43
CA ALA A 16 4.87 3.60 3.41
C ALA A 16 4.99 2.32 4.46
C ALA A 16 4.87 2.51 4.47
N VAL A 17 5.70 1.23 4.19
N VAL A 17 5.41 1.33 4.15
CA VAL A 17 5.82 0.19 5.21
CA VAL A 17 5.52 0.28 5.16
C VAL A 17 6.56 0.71 6.44
C VAL A 17 6.36 0.77 6.32
N ALA A 18 7.62 1.48 6.22
N ALA A 18 7.48 1.41 6.01
CA ALA A 18 8.41 1.96 7.34
CA ALA A 18 8.34 1.89 7.08
C ALA A 18 7.65 3.00 8.16
C ALA A 18 7.59 2.86 7.98
N VAL A 19 6.97 3.91 7.48
N VAL A 19 6.97 3.88 7.38
CA VAL A 19 6.19 4.93 8.18
CA VAL A 19 6.27 4.87 8.17
C VAL A 19 4.98 4.32 8.86
C VAL A 19 5.11 4.23 8.93
N PHE A 20 4.47 3.22 8.31
N PHE A 20 4.38 3.36 8.25
CA PHE A 20 3.37 2.51 8.94
CA PHE A 20 3.22 2.70 8.85
C PHE A 20 3.80 1.89 10.27
C PHE A 20 3.59 1.98 10.13
N ASN A 21 4.96 1.26 10.29
N ASN A 21 4.72 1.27 10.12
CA ASN A 21 5.42 0.63 11.52
CA ASN A 21 5.13 0.57 11.33
C ASN A 21 5.78 1.67 12.59
C ASN A 21 5.52 1.55 12.42
N THR A 22 6.28 2.83 12.16
N THR A 22 6.21 2.64 12.09
CA THR A 22 6.49 3.93 13.12
CA THR A 22 6.50 3.67 13.09
C THR A 22 5.15 4.44 13.65
C THR A 22 5.19 4.26 13.64
N MET A 23 4.14 4.49 12.79
N MET A 23 4.22 4.49 12.75
CA MET A 23 2.83 4.97 13.20
CA MET A 23 2.91 4.98 13.19
C MET A 23 2.14 3.98 14.14
C MET A 23 2.26 4.02 14.19
N LYS A 24 2.31 2.68 13.89
N LYS A 24 2.29 2.71 13.89
CA LYS A 24 1.72 1.67 14.77
CA LYS A 24 1.71 1.71 14.78
C LYS A 24 2.32 1.75 16.18
C LYS A 24 2.31 1.82 16.18
N ALA A 25 3.63 1.97 16.27
CA ALA A 25 4.27 2.15 17.58
C ALA A 25 3.75 3.38 18.29
N ALA A 26 3.61 4.49 17.55
CA ALA A 26 3.09 5.72 18.11
C ALA A 26 1.66 5.55 18.62
N PHE A 27 0.81 4.91 17.81
CA PHE A 27 -0.55 4.61 18.24
C PHE A 27 -0.54 3.81 19.55
N GLN A 28 0.24 2.73 19.59
CA GLN A 28 0.23 1.93 20.81
C GLN A 28 0.67 2.76 22.00
N ASN A 29 1.64 3.66 21.80
CA ASN A 29 2.15 4.50 22.89
C ASN A 29 1.24 5.67 23.25
N GLY A 30 0.20 5.92 22.46
CA GLY A 30 -0.71 7.01 22.75
C GLY A 30 -0.24 8.36 22.30
N ASP A 31 0.75 8.41 21.40
CA ASP A 31 1.34 9.66 20.91
C ASP A 31 0.51 10.07 19.70
N LYS A 32 -0.65 10.67 19.97
N LYS A 32 -0.65 10.67 19.98
CA LYS A 32 -1.60 10.97 18.92
CA LYS A 32 -1.60 10.95 18.91
C LYS A 32 -1.10 12.07 17.99
C LYS A 32 -1.10 12.06 17.98
N GLU A 33 -0.28 12.99 18.50
N GLU A 33 -0.28 12.98 18.50
CA GLU A 33 0.28 14.04 17.63
CA GLU A 33 0.28 14.03 17.64
C GLU A 33 1.21 13.44 16.58
C GLU A 33 1.21 13.44 16.59
N ALA A 34 2.01 12.44 16.97
CA ALA A 34 2.84 11.73 16.01
C ALA A 34 1.98 10.99 15.02
N VAL A 35 0.96 10.26 15.53
CA VAL A 35 0.09 9.49 14.63
C VAL A 35 -0.51 10.39 13.58
N ALA A 36 -1.03 11.56 13.98
CA ALA A 36 -1.61 12.45 12.98
C ALA A 36 -0.62 12.78 11.87
N GLN A 37 0.62 13.12 12.22
CA GLN A 37 1.59 13.45 11.20
C GLN A 37 1.93 12.24 10.36
N TYR A 38 2.08 11.07 10.97
CA TYR A 38 2.39 9.89 10.17
C TYR A 38 1.25 9.56 9.21
N LEU A 39 0.00 9.75 9.64
CA LEU A 39 -1.13 9.48 8.75
C LEU A 39 -1.13 10.43 7.56
N ALA A 40 -0.75 11.68 7.78
CA ALA A 40 -0.61 12.63 6.68
C ALA A 40 0.50 12.18 5.72
N ARG A 41 1.64 11.79 6.26
CA ARG A 41 2.75 11.29 5.46
C ARG A 41 2.31 10.08 4.64
N LEU A 42 1.63 9.13 5.29
CA LEU A 42 1.16 7.94 4.60
C LEU A 42 0.15 8.26 3.50
N ALA A 43 -0.73 9.23 3.73
N ALA A 43 -0.70 9.27 3.70
CA ALA A 43 -1.71 9.55 2.69
CA ALA A 43 -1.62 9.63 2.61
C ALA A 43 -1.02 10.06 1.44
C ALA A 43 -0.85 10.10 1.38
N SER A 44 -0.01 10.92 1.60
N SER A 44 0.21 10.89 1.60
CA SER A 44 0.78 11.37 0.47
CA SER A 44 1.01 11.35 0.47
C SER A 44 1.45 10.19 -0.22
C SER A 44 1.74 10.19 -0.20
N LEU A 45 2.11 9.35 0.55
N LEU A 45 2.19 9.21 0.58
CA LEU A 45 2.85 8.21 -0.01
CA LEU A 45 2.93 8.09 0.02
C LEU A 45 1.93 7.30 -0.81
C LEU A 45 2.01 7.14 -0.74
N TYR A 46 0.81 6.90 -0.21
CA TYR A 46 -0.15 6.06 -0.91
C TYR A 46 -0.63 6.75 -2.17
N THR A 47 -0.90 8.05 -2.11
CA THR A 47 -1.34 8.74 -3.33
C THR A 47 -0.28 8.61 -4.43
N ARG A 48 0.98 8.85 -4.10
CA ARG A 48 2.07 8.72 -5.06
C ARG A 48 2.21 7.29 -5.56
N HIS A 49 2.14 6.32 -4.66
CA HIS A 49 2.21 4.92 -5.09
C HIS A 49 1.09 4.58 -6.07
N GLU A 50 -0.14 5.00 -5.77
CA GLU A 50 -1.28 4.71 -6.63
C GLU A 50 -1.03 5.23 -8.03
N GLU A 51 -0.48 6.43 -8.13
CA GLU A 51 -0.24 7.07 -9.43
C GLU A 51 0.83 6.33 -10.23
N LEU A 52 1.94 6.01 -9.59
CA LEU A 52 3.00 5.24 -10.25
C LEU A 52 2.51 3.87 -10.71
N LEU A 53 1.70 3.21 -9.90
CA LEU A 53 1.13 1.93 -10.29
C LEU A 53 0.25 2.07 -11.52
N ASN A 54 -0.53 3.15 -11.60
CA ASN A 54 -1.43 3.31 -12.72
C ASN A 54 -0.64 3.58 -13.98
N ARG A 55 0.41 4.38 -13.89
CA ARG A 55 1.25 4.63 -15.05
C ARG A 55 1.92 3.34 -15.55
N ILE A 56 2.32 2.48 -14.62
CA ILE A 56 2.96 1.22 -14.97
C ILE A 56 1.96 0.31 -15.68
N LEU A 57 0.75 0.19 -15.11
CA LEU A 57 -0.29 -0.61 -15.75
C LEU A 57 -0.59 -0.07 -17.14
N GLU A 58 -0.79 1.23 -17.26
CA GLU A 58 -1.09 1.80 -18.58
C GLU A 58 0.05 1.52 -19.58
N LYS A 59 1.30 1.58 -19.12
CA LYS A 59 2.42 1.31 -20.03
C LYS A 59 2.47 -0.16 -20.44
N ALA A 60 2.30 -1.06 -19.47
CA ALA A 60 2.22 -2.48 -19.80
C ALA A 60 1.13 -2.75 -20.83
N ARG A 61 -0.01 -2.07 -20.71
CA ARG A 61 -1.09 -2.21 -21.69
C ARG A 61 -0.64 -1.73 -23.05
N ARG A 62 0.03 -0.57 -23.10
CA ARG A 62 0.47 -0.04 -24.40
C ARG A 62 1.53 -0.92 -25.03
N GLU A 63 2.30 -1.63 -24.20
N GLU A 63 2.30 -1.62 -24.20
CA GLU A 63 3.32 -2.55 -24.69
CA GLU A 63 3.32 -2.56 -24.67
C GLU A 63 2.76 -3.91 -25.08
C GLU A 63 2.75 -3.89 -25.10
N GLY A 64 1.49 -4.19 -24.80
CA GLY A 64 0.90 -5.48 -25.09
C GLY A 64 1.39 -6.59 -24.18
N ASN A 65 1.83 -6.25 -22.97
CA ASN A 65 2.45 -7.26 -22.09
C ASN A 65 1.32 -7.89 -21.28
N LYS A 66 0.65 -8.85 -21.91
N LYS A 66 0.67 -8.86 -21.89
CA LYS A 66 -0.60 -9.36 -21.37
CA LYS A 66 -0.57 -9.37 -21.32
C LYS A 66 -0.43 -9.92 -19.97
C LYS A 66 -0.35 -9.87 -19.90
N GLU A 67 0.66 -10.66 -19.71
N GLU A 67 0.66 -10.71 -19.68
CA GLU A 67 0.82 -11.24 -18.38
CA GLU A 67 0.84 -11.26 -18.33
C GLU A 67 1.02 -10.15 -17.33
C GLU A 67 1.05 -10.16 -17.30
N ALA A 68 1.83 -9.14 -17.65
CA ALA A 68 2.04 -8.06 -16.69
C ALA A 68 0.75 -7.28 -16.44
N VAL A 69 -0.07 -7.12 -17.49
CA VAL A 69 -1.34 -6.43 -17.31
C VAL A 69 -2.25 -7.22 -16.37
N THR A 70 -2.32 -8.55 -16.55
CA THR A 70 -3.15 -9.39 -15.69
C THR A 70 -2.73 -9.21 -14.24
N LEU A 71 -1.42 -9.28 -13.99
CA LEU A 71 -0.91 -9.22 -12.63
C LEU A 71 -1.14 -7.84 -12.04
N MET A 72 -0.90 -6.80 -12.84
N MET A 72 -0.92 -6.79 -12.84
CA MET A 72 -1.11 -5.44 -12.35
CA MET A 72 -1.11 -5.44 -12.36
C MET A 72 -2.58 -5.16 -12.11
C MET A 72 -2.59 -5.13 -12.14
N ASN A 73 -3.47 -5.68 -12.96
N ASN A 73 -3.49 -5.75 -12.91
CA ASN A 73 -4.90 -5.52 -12.69
CA ASN A 73 -4.92 -5.58 -12.62
C ASN A 73 -5.27 -6.17 -11.36
C ASN A 73 -5.27 -6.18 -11.26
N GLU A 74 -4.73 -7.34 -11.08
N GLU A 74 -4.81 -7.40 -11.00
CA GLU A 74 -4.99 -7.99 -9.80
CA GLU A 74 -4.99 -7.97 -9.66
C GLU A 74 -4.32 -7.24 -8.66
C GLU A 74 -4.39 -7.06 -8.61
N PHE A 75 -3.14 -6.67 -8.89
N PHE A 75 -3.15 -6.63 -8.84
CA PHE A 75 -2.45 -5.99 -7.81
CA PHE A 75 -2.44 -5.85 -7.83
C PHE A 75 -3.06 -4.63 -7.51
C PHE A 75 -3.17 -4.54 -7.52
N THR A 76 -3.48 -3.89 -8.53
N THR A 76 -3.54 -3.78 -8.55
CA THR A 76 -4.14 -2.62 -8.28
CA THR A 76 -4.20 -2.51 -8.32
C THR A 76 -5.48 -2.83 -7.57
C THR A 76 -5.57 -2.70 -7.67
N ALA A 77 -6.17 -3.93 -7.86
N ALA A 77 -6.26 -3.79 -7.97
CA ALA A 77 -7.40 -4.23 -7.15
CA ALA A 77 -7.49 -4.08 -7.25
C ALA A 77 -7.14 -4.49 -5.67
C ALA A 77 -7.23 -4.16 -5.76
N THR A 78 -6.07 -5.21 -5.36
N THR A 78 -6.28 -5.00 -5.35
CA THR A 78 -5.70 -5.43 -3.95
CA THR A 78 -5.91 -5.10 -3.93
C THR A 78 -5.19 -4.14 -3.30
C THR A 78 -5.52 -3.75 -3.36
N PHE A 79 -4.53 -3.27 -4.08
N PHE A 79 -4.83 -2.92 -4.15
CA PHE A 79 -4.13 -1.97 -3.56
CA PHE A 79 -4.43 -1.60 -3.66
C PHE A 79 -5.33 -1.17 -3.07
C PHE A 79 -5.66 -0.77 -3.29
N GLN A 80 -6.41 -1.14 -3.85
N GLN A 80 -6.76 -0.94 -4.02
CA GLN A 80 -7.59 -0.37 -3.43
CA GLN A 80 -7.98 -0.21 -3.68
C GLN A 80 -8.21 -0.95 -2.16
C GLN A 80 -8.61 -0.73 -2.39
N THR A 81 -8.16 -2.27 -1.98
N THR A 81 -8.38 -2.00 -2.04
CA THR A 81 -8.59 -2.86 -0.71
CA THR A 81 -8.83 -2.52 -0.75
C THR A 81 -7.79 -2.26 0.44
C THR A 81 -8.06 -1.87 0.39
N GLY A 82 -6.48 -2.18 0.28
N GLY A 82 -6.73 -1.83 0.27
CA GLY A 82 -5.64 -1.59 1.32
CA GLY A 82 -5.93 -1.08 1.23
C GLY A 82 -5.92 -0.12 1.51
C GLY A 82 -6.39 0.36 1.35
N LYS A 83 -6.22 0.60 0.41
N LYS A 83 -6.62 1.01 0.22
CA LYS A 83 -6.48 2.02 0.50
CA LYS A 83 -7.08 2.39 0.24
C LYS A 83 -7.77 2.30 1.25
C LYS A 83 -8.36 2.54 1.06
N SER A 84 -8.84 1.56 0.91
N SER A 84 -9.34 1.68 0.82
CA SER A 84 -10.10 1.72 1.63
CA SER A 84 -10.61 1.79 1.54
C SER A 84 -9.93 1.43 3.12
C SER A 84 -10.42 1.54 3.03
N ILE A 85 -9.13 0.43 3.47
N ILE A 85 -9.62 0.53 3.39
CA ILE A 85 -8.90 0.12 4.87
CA ILE A 85 -9.36 0.27 4.80
C ILE A 85 -8.12 1.24 5.55
C ILE A 85 -8.53 1.40 5.40
N PHE A 86 -7.16 1.84 4.83
N PHE A 86 -7.51 1.88 4.69
CA PHE A 86 -6.41 2.95 5.39
CA PHE A 86 -6.78 3.04 5.18
C PHE A 86 -7.32 4.13 5.66
C PHE A 86 -7.69 4.22 5.41
N ASN A 87 -8.09 4.56 4.66
N ASN A 87 -8.64 4.46 4.50
CA ASN A 87 -8.98 5.71 4.85
CA ASN A 87 -9.54 5.59 4.69
C ASN A 87 -9.93 5.46 6.01
C ASN A 87 -10.38 5.40 5.94
N ALA A 88 -10.47 4.25 6.12
N ALA A 88 -10.80 4.18 6.21
CA ALA A 88 -11.32 3.93 7.26
CA ALA A 88 -11.59 3.93 7.42
C ALA A 88 -10.56 4.12 8.56
C ALA A 88 -10.72 4.06 8.68
N MET A 89 -9.27 3.73 8.56
N MET A 89 -9.43 3.72 8.56
CA MET A 89 -8.44 3.90 9.75
CA MET A 89 -8.52 3.90 9.69
C MET A 89 -8.23 5.37 10.07
C MET A 89 -8.37 5.37 10.04
N VAL A 90 -8.10 6.20 9.03
CA VAL A 90 -8.01 7.65 9.25
C VAL A 90 -9.30 8.18 9.86
N ALA A 91 -10.45 7.68 9.41
CA ALA A 91 -11.73 8.12 9.98
C ALA A 91 -11.85 7.70 11.43
N ALA A 92 -11.38 6.49 11.75
CA ALA A 92 -11.42 6.02 13.13
C ALA A 92 -10.52 6.87 14.02
N PHE A 93 -9.39 7.31 13.51
CA PHE A 93 -8.53 8.20 14.28
C PHE A 93 -9.21 9.53 14.54
N LYS A 94 -9.79 10.13 13.50
CA LYS A 94 -10.53 11.37 13.65
C LYS A 94 -11.62 11.25 14.69
N ASN A 95 -12.33 10.11 14.71
CA ASN A 95 -13.47 9.89 15.59
C ASN A 95 -13.08 9.43 16.99
N GLY A 96 -11.78 9.19 17.25
CA GLY A 96 -11.36 8.65 18.53
C GLY A 96 -11.78 7.21 18.80
N ASP A 97 -11.99 6.41 17.76
CA ASP A 97 -12.43 5.03 17.89
C ASP A 97 -11.18 4.14 17.83
N ASP A 98 -10.57 3.90 18.99
CA ASP A 98 -9.34 3.14 18.99
C ASP A 98 -9.58 1.68 18.66
N ASP A 99 -10.77 1.16 19.01
CA ASP A 99 -11.09 -0.22 18.67
C ASP A 99 -11.13 -0.40 17.15
N SER A 100 -11.82 0.49 16.46
CA SER A 100 -11.83 0.39 15.01
C SER A 100 -10.46 0.64 14.44
N PHE A 101 -9.70 1.56 15.01
CA PHE A 101 -8.35 1.85 14.50
C PHE A 101 -7.48 0.60 14.57
N GLU A 102 -7.51 -0.09 15.72
CA GLU A 102 -6.77 -1.34 15.87
C GLU A 102 -7.18 -2.36 14.83
N SER A 103 -8.50 -2.51 14.62
N SER A 103 -8.49 -2.53 14.64
CA SER A 103 -9.00 -3.50 13.67
CA SER A 103 -9.01 -3.49 13.66
C SER A 103 -8.51 -3.21 12.25
C SER A 103 -8.49 -3.19 12.27
N TYR A 104 -8.75 -1.98 11.78
CA TYR A 104 -8.29 -1.62 10.44
C TYR A 104 -6.78 -1.76 10.31
N LEU A 105 -6.03 -1.43 11.36
CA LEU A 105 -4.57 -1.51 11.28
C LEU A 105 -4.12 -2.94 11.00
N GLN A 106 -4.71 -3.90 11.71
N GLN A 106 -4.67 -3.90 11.72
CA GLN A 106 -4.38 -5.31 11.49
CA GLN A 106 -4.31 -5.30 11.48
C GLN A 106 -4.81 -5.76 10.10
C GLN A 106 -4.77 -5.77 10.11
N ALA A 107 -6.04 -5.42 9.70
N ALA A 107 -5.89 -5.24 9.63
CA ALA A 107 -6.53 -5.80 8.38
CA ALA A 107 -6.35 -5.55 8.28
C ALA A 107 -5.64 -5.25 7.30
C ALA A 107 -5.31 -5.12 7.26
N LEU A 108 -5.20 -4.00 7.44
N LEU A 108 -4.80 -3.89 7.38
CA LEU A 108 -4.29 -3.41 6.46
CA LEU A 108 -3.84 -3.38 6.40
C LEU A 108 -2.96 -4.15 6.43
C LEU A 108 -2.57 -4.21 6.40
N GLU A 109 -2.51 -4.64 7.58
N GLU A 109 -2.13 -4.66 7.58
CA GLU A 109 -1.30 -5.46 7.63
CA GLU A 109 -0.95 -5.51 7.66
C GLU A 109 -1.49 -6.77 6.86
C GLU A 109 -1.18 -6.83 6.91
N LYS A 110 -2.62 -7.45 7.08
N LYS A 110 -2.39 -7.37 6.96
CA LYS A 110 -2.85 -8.75 6.47
CA LYS A 110 -2.69 -8.57 6.18
C LYS A 110 -3.12 -8.62 4.97
C LYS A 110 -2.66 -8.27 4.69
N VAL A 111 -3.82 -7.56 4.55
N VAL A 111 -3.22 -7.13 4.27
CA VAL A 111 -4.00 -7.30 3.13
CA VAL A 111 -3.22 -6.76 2.84
C VAL A 111 -2.67 -7.03 2.47
C VAL A 111 -1.79 -6.77 2.32
N THR A 112 -1.77 -6.33 3.16
N THR A 112 -0.87 -6.12 3.04
CA THR A 112 -0.47 -6.00 2.60
CA THR A 112 0.49 -5.99 2.54
C THR A 112 0.42 -7.23 2.51
C THR A 112 1.19 -7.34 2.48
N ALA A 113 0.47 -8.02 3.58
N ALA A 113 1.06 -8.17 3.53
CA ALA A 113 1.34 -9.20 3.57
CA ALA A 113 1.70 -9.47 3.47
C ALA A 113 0.90 -10.19 2.51
C ALA A 113 1.02 -10.39 2.46
N LYS A 114 -0.42 -10.38 2.33
N LYS A 114 -0.31 -10.27 2.29
CA LYS A 114 -0.91 -11.28 1.30
CA LYS A 114 -1.02 -11.14 1.35
C LYS A 114 -0.41 -10.87 -0.09
C LYS A 114 -0.59 -10.90 -0.09
N GLY A 115 -0.43 -9.57 -0.37
N GLY A 115 -0.23 -9.66 -0.44
CA GLY A 115 -0.15 -9.10 -1.72
CA GLY A 115 0.07 -9.31 -1.81
C GLY A 115 1.31 -8.97 -2.04
C GLY A 115 1.54 -9.26 -2.18
N GLU A 116 2.18 -9.73 -1.38
N GLU A 116 2.45 -9.72 -1.33
CA GLU A 116 3.61 -9.58 -1.60
CA GLU A 116 3.85 -9.51 -1.63
C GLU A 116 4.18 -10.57 -2.59
C GLU A 116 4.39 -10.53 -2.62
N THR A 117 3.66 -11.79 -2.66
N THR A 117 3.82 -11.72 -2.68
CA THR A 117 4.09 -12.70 -3.72
CA THR A 117 4.20 -12.63 -3.76
C THR A 117 3.75 -12.12 -5.08
C THR A 117 3.79 -12.05 -5.11
N LEU A 118 2.58 -11.48 -5.20
CA LEU A 118 2.18 -10.85 -6.45
C LEU A 118 3.06 -9.64 -6.77
N ALA A 119 3.43 -8.86 -5.75
CA ALA A 119 4.34 -7.75 -5.97
C ALA A 119 5.65 -8.20 -6.61
N ASP A 120 6.20 -9.32 -6.12
N ASP A 120 6.20 -9.32 -6.12
CA ASP A 120 7.43 -9.84 -6.69
CA ASP A 120 7.44 -9.83 -6.70
C ASP A 120 7.21 -10.41 -8.09
C ASP A 120 7.22 -10.42 -8.09
N GLN A 121 6.08 -11.07 -8.32
CA GLN A 121 5.77 -11.59 -9.64
C GLN A 121 5.75 -10.47 -10.68
N ILE A 122 5.22 -9.32 -10.31
CA ILE A 122 5.12 -8.22 -11.25
C ILE A 122 6.51 -7.77 -11.66
N ALA A 123 7.43 -7.68 -10.70
CA ALA A 123 8.77 -7.24 -11.04
C ALA A 123 9.35 -8.11 -12.15
N LYS A 124 9.13 -9.42 -12.07
N LYS A 124 9.12 -9.42 -12.06
CA LYS A 124 9.71 -10.34 -13.03
CA LYS A 124 9.70 -10.35 -13.01
C LYS A 124 9.00 -10.27 -14.38
C LYS A 124 8.98 -10.33 -14.35
N ALA A 125 7.72 -9.89 -14.38
CA ALA A 125 6.93 -9.92 -15.60
C ALA A 125 7.12 -8.70 -16.48
N LEU A 126 7.42 -7.55 -15.90
N LEU A 126 7.43 -7.55 -15.90
CA LEU A 126 7.48 -6.32 -16.67
CA LEU A 126 7.54 -6.32 -16.67
C LEU A 126 8.61 -6.34 -17.69
C LEU A 126 8.75 -6.31 -17.59
O11 MWP B . -2.81 -2.04 -0.60
S9 MWP B . -1.79 -1.18 -0.07
O10 MWP B . -0.61 -0.98 -0.87
C8 MWP B . -1.38 -1.66 1.56
C7 MWP B . -1.74 -0.73 2.43
C2 MWP B . -2.37 0.44 1.84
C3 MWP B . -2.47 0.34 0.45
C4 MWP B . -3.03 1.34 -0.33
C5 MWP B . -3.55 2.49 0.26
N12 MWP B . -4.08 3.51 -0.49
C6 MWP B . -3.46 2.61 1.64
C1 MWP B . -2.89 1.60 2.40
H1 MWP B . -0.95 -2.51 1.76
H2 MWP B . -1.62 -0.79 3.40
H3 MWP B . -3.08 1.22 -1.31
H4 MWP B . -4.10 3.45 -1.38
H5 MWP B . -4.40 4.24 -0.11
H6 MWP B . -3.82 3.39 2.10
H7 MWP B . -2.86 1.71 3.38
#